data_3UZ0
#
_entry.id   3UZ0
#
_cell.length_a   62.370
_cell.length_b   64.490
_cell.length_c   176.560
_cell.angle_alpha   90.00
_cell.angle_beta   90.00
_cell.angle_gamma   90.00
#
_symmetry.space_group_name_H-M   'P 21 21 21'
#
loop_
_entity.id
_entity.type
_entity.pdbx_description
1 polymer 'Stage III sporulation protein AH'
2 polymer 'Stage II sporulation protein Q'
3 non-polymer 'SULFATE ION'
4 water water
#
loop_
_entity_poly.entity_id
_entity_poly.type
_entity_poly.pdbx_seq_one_letter_code
_entity_poly.pdbx_strand_id
1 'polypeptide(L)'
;GSH(MSE)ASEKGTVVTETADDDLFTTYRLDLEDARSKEREELNAIVSSDDATAKEKSEAYDK(MSE)TALSEVEGTEKQ
LETLIKTQGYEDALVNAEGDKINITVKSDKHSKSKATAIIDLVAKEIKT(MSE)KDVAVTFEPSK
;
A,C
2 'polypeptide(L)'
;GSH(MSE)GKS(MSE)ENVA(MSE)PVVDSENVSVVKKFYETDAAKEEKEAALVTYNNTYSLSKGIDLAEKDGKDFDVSA
SLSGTVVKAEKDPVLGYVVEVEHADGLSTVYQSLSEVSVEQGDKVKQNQVIGKSGKNLYSEDSGNHVHFEIRKDGVA
(MSE)NPLNF(MSE)
;
B,D
#
loop_
_chem_comp.id
_chem_comp.type
_chem_comp.name
_chem_comp.formula
SO4 non-polymer 'SULFATE ION' 'O4 S -2'
#
# COMPACT_ATOMS: atom_id res chain seq x y z
N ASP A 19 -23.65 -4.46 3.90
CA ASP A 19 -22.68 -4.58 5.00
C ASP A 19 -21.49 -5.43 4.58
N LEU A 20 -20.35 -4.79 4.32
CA LEU A 20 -19.18 -5.48 3.79
C LEU A 20 -18.86 -6.75 4.61
N PHE A 21 -18.97 -6.63 5.93
CA PHE A 21 -18.88 -7.80 6.78
C PHE A 21 -19.96 -8.83 6.41
N THR A 22 -21.21 -8.46 6.66
CA THR A 22 -22.29 -9.41 6.47
C THR A 22 -22.30 -10.09 5.09
N THR A 23 -21.87 -9.41 4.04
CA THR A 23 -21.78 -10.10 2.76
C THR A 23 -20.61 -11.07 2.76
N TYR A 24 -19.55 -10.73 3.50
CA TYR A 24 -18.46 -11.68 3.75
C TYR A 24 -19.01 -12.99 4.31
N ARG A 25 -19.90 -12.90 5.29
CA ARG A 25 -20.53 -14.07 5.88
C ARG A 25 -21.37 -14.82 4.85
N LEU A 26 -22.31 -14.11 4.27
CA LEU A 26 -23.23 -14.70 3.32
C LEU A 26 -22.55 -15.44 2.18
N ASP A 27 -21.45 -14.93 1.67
CA ASP A 27 -20.85 -15.61 0.52
C ASP A 27 -19.76 -16.60 0.92
N LEU A 28 -19.44 -16.65 2.20
CA LEU A 28 -18.71 -17.78 2.72
C LEU A 28 -19.68 -18.93 2.93
N GLU A 29 -20.93 -18.59 3.22
CA GLU A 29 -21.94 -19.61 3.41
C GLU A 29 -22.41 -20.19 2.09
N ASP A 30 -22.20 -19.46 1.01
CA ASP A 30 -22.57 -19.96 -0.31
C ASP A 30 -21.49 -20.88 -0.77
N ALA A 31 -20.25 -20.49 -0.52
CA ALA A 31 -19.13 -21.38 -0.76
C ALA A 31 -19.44 -22.72 -0.11
N ARG A 32 -19.77 -22.65 1.17
CA ARG A 32 -20.06 -23.82 1.95
C ARG A 32 -21.31 -24.56 1.48
N SER A 33 -22.32 -23.83 1.02
CA SER A 33 -23.56 -24.49 0.58
C SER A 33 -23.35 -25.20 -0.73
N LYS A 34 -22.40 -24.72 -1.53
CA LYS A 34 -22.12 -25.30 -2.83
C LYS A 34 -21.27 -26.57 -2.72
N GLU A 35 -20.31 -26.61 -1.79
CA GLU A 35 -19.56 -27.83 -1.54
C GLU A 35 -20.50 -28.87 -0.97
N ARG A 36 -21.23 -28.48 0.08
CA ARG A 36 -22.22 -29.36 0.70
C ARG A 36 -22.98 -30.00 -0.47
N GLU A 37 -23.58 -29.16 -1.30
CA GLU A 37 -24.29 -29.62 -2.50
C GLU A 37 -23.52 -30.50 -3.49
N GLU A 38 -22.25 -30.20 -3.76
CA GLU A 38 -21.51 -30.96 -4.75
C GLU A 38 -21.16 -32.34 -4.25
N LEU A 39 -20.82 -32.41 -2.96
CA LEU A 39 -20.54 -33.68 -2.31
C LEU A 39 -21.77 -34.57 -2.32
N ASN A 40 -22.90 -34.01 -1.92
CA ASN A 40 -24.18 -34.74 -1.95
C ASN A 40 -24.58 -35.19 -3.36
N ALA A 41 -24.23 -34.39 -4.34
CA ALA A 41 -24.43 -34.79 -5.74
C ALA A 41 -23.83 -36.17 -6.01
N ILE A 42 -22.65 -36.42 -5.45
CA ILE A 42 -21.91 -37.65 -5.68
C ILE A 42 -22.51 -38.81 -4.93
N VAL A 43 -22.88 -38.53 -3.69
CA VAL A 43 -23.35 -39.56 -2.80
C VAL A 43 -24.74 -40.07 -3.18
N SER A 44 -25.51 -39.25 -3.88
CA SER A 44 -26.81 -39.72 -4.36
C SER A 44 -26.82 -40.15 -5.83
N SER A 45 -25.66 -40.10 -6.49
CA SER A 45 -25.54 -40.55 -7.90
C SER A 45 -25.37 -42.07 -8.05
N ASP A 46 -25.75 -42.59 -9.22
CA ASP A 46 -25.63 -44.03 -9.50
C ASP A 46 -24.20 -44.40 -9.85
N ASP A 47 -23.57 -43.55 -10.65
CA ASP A 47 -22.30 -43.87 -11.29
C ASP A 47 -21.09 -43.67 -10.36
N ALA A 48 -21.34 -43.25 -9.13
CA ALA A 48 -20.29 -43.20 -8.14
C ALA A 48 -20.26 -44.54 -7.44
N THR A 49 -19.08 -45.10 -7.23
CA THR A 49 -18.94 -46.36 -6.51
C THR A 49 -19.14 -46.15 -5.02
N ALA A 50 -19.40 -47.22 -4.29
CA ALA A 50 -19.61 -47.11 -2.86
C ALA A 50 -18.33 -46.72 -2.10
N LYS A 51 -17.17 -46.90 -2.72
CA LYS A 51 -15.96 -46.34 -2.13
C LYS A 51 -15.97 -44.84 -2.40
N GLU A 52 -16.26 -44.47 -3.65
CA GLU A 52 -16.34 -43.06 -4.04
C GLU A 52 -17.39 -42.31 -3.23
N LYS A 53 -18.50 -42.98 -2.96
CA LYS A 53 -19.61 -42.41 -2.23
C LYS A 53 -19.22 -42.19 -0.80
N SER A 54 -18.33 -43.02 -0.29
CA SER A 54 -17.93 -42.91 1.10
C SER A 54 -16.96 -41.76 1.26
N GLU A 55 -15.97 -41.68 0.38
CA GLU A 55 -15.00 -40.60 0.39
C GLU A 55 -15.71 -39.24 0.42
N ALA A 56 -16.85 -39.14 -0.23
CA ALA A 56 -17.63 -37.89 -0.21
C ALA A 56 -18.12 -37.62 1.20
N TYR A 57 -18.82 -38.60 1.78
CA TYR A 57 -19.28 -38.55 3.17
C TYR A 57 -18.15 -38.13 4.10
N ASP A 58 -17.01 -38.79 3.97
CA ASP A 58 -15.84 -38.41 4.74
C ASP A 58 -15.57 -36.91 4.68
N LYS A 59 -15.71 -36.32 3.49
CA LYS A 59 -15.43 -34.90 3.28
C LYS A 59 -16.45 -34.01 3.94
N MSE A 60 -17.72 -34.42 3.88
CA MSE A 60 -18.76 -33.68 4.52
C MSE A 60 -18.49 -33.63 6.01
O MSE A 60 -18.64 -32.59 6.67
CB MSE A 60 -20.11 -34.34 4.26
CG MSE A 60 -20.47 -34.34 2.79
SE MSE A 60 -22.23 -35.07 2.39
CE MSE A 60 -23.34 -33.57 3.01
N THR A 61 -18.07 -34.77 6.53
CA THR A 61 -17.77 -34.90 7.94
C THR A 61 -16.66 -33.95 8.30
N ALA A 62 -15.57 -34.02 7.57
CA ALA A 62 -14.44 -33.17 7.87
C ALA A 62 -14.83 -31.70 7.80
N LEU A 63 -15.69 -31.36 6.86
CA LEU A 63 -16.06 -29.98 6.67
C LEU A 63 -16.85 -29.48 7.87
N SER A 64 -17.76 -30.33 8.35
CA SER A 64 -18.54 -30.01 9.53
C SER A 64 -17.69 -29.81 10.77
N GLU A 65 -16.65 -30.62 10.91
CA GLU A 65 -15.71 -30.39 11.98
C GLU A 65 -15.16 -29.00 11.85
N VAL A 66 -14.68 -28.65 10.66
CA VAL A 66 -14.17 -27.30 10.44
C VAL A 66 -15.20 -26.26 10.89
N GLU A 67 -16.44 -26.39 10.44
CA GLU A 67 -17.47 -25.41 10.79
C GLU A 67 -17.72 -25.25 12.29
N GLY A 68 -17.51 -26.33 13.05
CA GLY A 68 -17.65 -26.28 14.48
C GLY A 68 -16.51 -25.62 15.23
N THR A 69 -15.32 -25.64 14.64
CA THR A 69 -14.18 -24.94 15.24
C THR A 69 -14.27 -23.45 14.89
N GLU A 70 -14.67 -23.16 13.67
CA GLU A 70 -14.90 -21.78 13.30
C GLU A 70 -15.90 -21.20 14.29
N LYS A 71 -16.91 -22.00 14.62
CA LYS A 71 -17.96 -21.56 15.55
C LYS A 71 -17.42 -21.26 16.94
N GLN A 72 -16.42 -22.03 17.38
CA GLN A 72 -15.91 -21.83 18.72
C GLN A 72 -14.99 -20.66 18.73
N LEU A 73 -14.28 -20.45 17.63
CA LEU A 73 -13.32 -19.36 17.63
C LEU A 73 -14.07 -18.07 17.58
N GLU A 74 -15.15 -18.01 16.79
CA GLU A 74 -15.95 -16.81 16.71
C GLU A 74 -16.51 -16.51 18.09
N THR A 75 -17.03 -17.54 18.74
CA THR A 75 -17.54 -17.41 20.09
C THR A 75 -16.50 -16.85 21.05
N LEU A 76 -15.35 -17.52 21.19
CA LEU A 76 -14.29 -17.01 22.05
C LEU A 76 -13.86 -15.59 21.67
N ILE A 77 -13.92 -15.25 20.39
CA ILE A 77 -13.49 -13.94 19.93
C ILE A 77 -14.47 -12.83 20.28
N LYS A 78 -15.76 -13.07 20.02
CA LYS A 78 -16.79 -12.11 20.40
C LYS A 78 -16.71 -11.87 21.92
N THR A 79 -15.98 -12.75 22.59
CA THR A 79 -15.91 -12.74 24.04
C THR A 79 -15.09 -11.61 24.60
N GLN A 80 -14.23 -11.01 23.78
CA GLN A 80 -13.58 -9.76 24.17
C GLN A 80 -14.05 -8.69 23.19
N GLY A 81 -14.96 -7.82 23.59
CA GLY A 81 -15.54 -6.87 22.64
C GLY A 81 -16.01 -7.61 21.40
N TYR A 82 -15.98 -6.94 20.24
CA TYR A 82 -16.34 -7.58 18.96
C TYR A 82 -17.78 -8.09 18.83
N GLU A 83 -18.69 -7.20 18.48
CA GLU A 83 -20.08 -7.61 18.34
C GLU A 83 -20.30 -8.74 17.32
N ASP A 84 -19.37 -8.90 16.37
CA ASP A 84 -19.45 -10.07 15.49
C ASP A 84 -18.09 -10.52 14.97
N ALA A 85 -17.99 -11.81 14.67
CA ALA A 85 -16.75 -12.39 14.17
C ALA A 85 -17.05 -13.41 13.09
N LEU A 86 -16.12 -13.57 12.16
CA LEU A 86 -16.28 -14.56 11.11
C LEU A 86 -14.93 -15.26 10.80
N VAL A 87 -14.90 -16.57 10.98
CA VAL A 87 -13.67 -17.35 10.87
C VAL A 87 -13.73 -18.35 9.72
N ASN A 88 -12.73 -18.32 8.86
CA ASN A 88 -12.60 -19.36 7.85
C ASN A 88 -11.33 -20.12 8.13
N ALA A 89 -11.48 -21.32 8.68
CA ALA A 89 -10.37 -22.18 9.08
C ALA A 89 -10.06 -23.29 8.08
N GLU A 90 -10.73 -23.26 6.94
CA GLU A 90 -10.68 -24.36 5.99
C GLU A 90 -9.27 -24.54 5.50
N GLY A 91 -8.69 -23.44 5.05
CA GLY A 91 -7.38 -23.49 4.43
C GLY A 91 -6.23 -23.66 5.38
N ASP A 92 -5.03 -23.44 4.86
CA ASP A 92 -3.81 -23.48 5.66
C ASP A 92 -3.72 -22.18 6.45
N LYS A 93 -3.98 -21.07 5.74
CA LYS A 93 -4.07 -19.74 6.34
C LYS A 93 -5.50 -19.51 6.81
N ILE A 94 -5.66 -19.20 8.10
CA ILE A 94 -6.97 -18.92 8.67
C ILE A 94 -7.37 -17.45 8.58
N ASN A 95 -8.41 -17.15 7.84
CA ASN A 95 -8.89 -15.78 7.74
C ASN A 95 -9.94 -15.45 8.80
N ILE A 96 -9.72 -14.34 9.50
CA ILE A 96 -10.68 -13.89 10.51
C ILE A 96 -11.21 -12.50 10.17
N THR A 97 -12.52 -12.32 10.17
CA THR A 97 -13.06 -10.99 9.97
C THR A 97 -13.83 -10.58 11.21
N VAL A 98 -13.55 -9.39 11.70
CA VAL A 98 -14.19 -8.91 12.92
C VAL A 98 -14.89 -7.58 12.70
N LYS A 99 -15.96 -7.31 13.45
CA LYS A 99 -16.61 -6.00 13.36
C LYS A 99 -15.98 -5.04 14.37
N SER A 100 -15.20 -4.09 13.87
CA SER A 100 -14.55 -3.13 14.73
C SER A 100 -14.26 -1.85 13.97
N ASP A 101 -14.48 -0.72 14.64
CA ASP A 101 -14.06 0.56 14.11
C ASP A 101 -12.61 0.78 14.52
N LYS A 102 -12.32 0.45 15.77
CA LYS A 102 -10.96 0.53 16.28
C LYS A 102 -10.16 -0.70 15.81
N HIS A 103 -8.90 -0.47 15.43
CA HIS A 103 -8.03 -1.59 15.14
C HIS A 103 -6.55 -1.30 15.42
N SER A 104 -5.82 -2.30 15.91
CA SER A 104 -4.42 -2.13 16.29
C SER A 104 -3.66 -3.43 16.32
N LYS A 105 -2.33 -3.33 16.23
CA LYS A 105 -1.42 -4.46 16.42
C LYS A 105 -1.73 -5.17 17.72
N SER A 106 -2.27 -4.41 18.68
CA SER A 106 -2.57 -4.93 19.99
C SER A 106 -3.74 -5.89 19.88
N LYS A 107 -4.80 -5.42 19.24
CA LYS A 107 -6.01 -6.19 19.13
C LYS A 107 -5.75 -7.48 18.38
N ALA A 108 -5.02 -7.37 17.27
CA ALA A 108 -4.74 -8.48 16.39
C ALA A 108 -4.08 -9.63 17.11
N THR A 109 -3.08 -9.31 17.92
CA THR A 109 -2.39 -10.32 18.70
C THR A 109 -3.32 -11.06 19.67
N ALA A 110 -4.17 -10.33 20.37
CA ALA A 110 -5.12 -10.96 21.28
C ALA A 110 -5.92 -12.02 20.55
N ILE A 111 -6.17 -11.76 19.27
CA ILE A 111 -6.98 -12.64 18.44
C ILE A 111 -6.16 -13.82 17.92
N ILE A 112 -5.08 -13.50 17.23
CA ILE A 112 -4.09 -14.49 16.88
C ILE A 112 -3.69 -15.39 18.05
N ASP A 113 -3.41 -14.78 19.20
CA ASP A 113 -3.00 -15.53 20.40
C ASP A 113 -3.92 -16.70 20.68
N LEU A 114 -5.23 -16.47 20.57
CA LEU A 114 -6.15 -17.50 20.98
C LEU A 114 -6.47 -18.47 19.85
N VAL A 115 -6.11 -18.11 18.63
CA VAL A 115 -6.22 -19.06 17.53
C VAL A 115 -5.10 -20.06 17.63
N ALA A 116 -3.91 -19.58 17.95
CA ALA A 116 -2.78 -20.43 18.20
C ALA A 116 -3.12 -21.45 19.29
N LYS A 117 -3.69 -20.96 20.38
CA LYS A 117 -3.94 -21.85 21.51
C LYS A 117 -5.05 -22.87 21.23
N GLU A 118 -5.91 -22.61 20.28
CA GLU A 118 -6.87 -23.66 19.88
C GLU A 118 -6.44 -24.43 18.62
N ILE A 119 -5.35 -24.02 17.98
CA ILE A 119 -4.86 -24.73 16.79
C ILE A 119 -3.34 -24.83 16.67
N LYS A 120 -2.82 -26.04 16.50
CA LYS A 120 -1.50 -26.22 15.93
C LYS A 120 -1.81 -26.69 14.53
N THR A 121 -0.81 -26.88 13.67
CA THR A 121 -1.05 -27.14 12.24
C THR A 121 -1.20 -25.80 11.53
N MSE A 122 -1.14 -24.74 12.31
CA MSE A 122 -1.51 -23.41 11.85
C MSE A 122 -0.33 -22.66 11.18
O MSE A 122 0.70 -22.43 11.82
CB MSE A 122 -2.15 -22.65 13.02
CG MSE A 122 -2.37 -21.18 12.80
SE MSE A 122 -0.86 -20.22 13.55
CE MSE A 122 -1.78 -19.17 14.92
N LYS A 123 -0.49 -22.29 9.91
CA LYS A 123 0.58 -21.66 9.15
C LYS A 123 0.57 -20.13 9.21
N ASP A 124 -0.47 -19.52 8.66
CA ASP A 124 -0.64 -18.07 8.76
C ASP A 124 -2.04 -17.71 9.32
N VAL A 125 -2.17 -16.52 9.89
CA VAL A 125 -3.48 -16.03 10.32
C VAL A 125 -3.69 -14.62 9.84
N ALA A 126 -4.87 -14.32 9.30
CA ALA A 126 -5.11 -12.96 8.85
C ALA A 126 -6.41 -12.40 9.39
N VAL A 127 -6.26 -11.42 10.30
CA VAL A 127 -7.37 -10.74 10.96
C VAL A 127 -7.65 -9.43 10.27
N THR A 128 -8.88 -9.25 9.81
CA THR A 128 -9.33 -7.99 9.22
C THR A 128 -10.37 -7.37 10.15
N PHE A 129 -10.17 -6.10 10.56
CA PHE A 129 -11.17 -5.44 11.40
C PHE A 129 -12.00 -4.57 10.51
N GLU A 130 -13.22 -5.01 10.25
CA GLU A 130 -14.12 -4.33 9.33
C GLU A 130 -14.96 -3.30 10.09
N PRO A 131 -14.96 -2.05 9.61
CA PRO A 131 -15.70 -0.96 10.27
C PRO A 131 -17.17 -1.12 9.97
N SER A 132 -18.03 -0.62 10.86
CA SER A 132 -19.48 -0.77 10.69
C SER A 132 -20.08 0.15 9.61
N ASN B 10 25.54 -23.37 6.73
CA ASN B 10 26.02 -22.32 5.82
C ASN B 10 24.92 -21.53 5.09
N VAL B 11 24.11 -20.79 5.85
CA VAL B 11 23.07 -19.93 5.25
C VAL B 11 23.48 -18.46 5.17
N ALA B 12 23.55 -17.94 3.95
CA ALA B 12 24.02 -16.59 3.71
C ALA B 12 22.97 -15.54 4.05
N MSE B 13 23.34 -14.56 4.86
CA MSE B 13 22.55 -13.35 4.97
C MSE B 13 22.42 -12.77 3.56
O MSE B 13 23.44 -12.54 2.91
CB MSE B 13 23.25 -12.35 5.87
CG MSE B 13 22.42 -11.14 6.23
SE MSE B 13 21.03 -11.53 7.57
CE MSE B 13 21.22 -9.89 8.62
N PRO B 14 21.18 -12.54 3.09
CA PRO B 14 21.02 -12.31 1.66
C PRO B 14 21.21 -10.84 1.28
N VAL B 15 22.26 -10.24 1.81
CA VAL B 15 22.54 -8.85 1.49
C VAL B 15 24.04 -8.68 1.33
N VAL B 16 24.44 -8.19 0.17
CA VAL B 16 25.85 -8.03 -0.16
C VAL B 16 26.64 -7.31 0.92
N ASP B 17 26.18 -6.12 1.29
CA ASP B 17 26.84 -5.34 2.34
C ASP B 17 26.07 -5.58 3.63
N SER B 18 26.68 -6.36 4.51
CA SER B 18 25.98 -6.94 5.64
C SER B 18 26.09 -6.05 6.86
N GLU B 19 26.74 -4.91 6.68
CA GLU B 19 26.77 -3.86 7.69
C GLU B 19 25.89 -2.74 7.15
N ASN B 20 25.26 -1.99 8.05
CA ASN B 20 24.30 -0.95 7.66
C ASN B 20 22.94 -1.52 7.29
N VAL B 21 22.88 -2.82 7.05
CA VAL B 21 21.63 -3.50 6.77
C VAL B 21 21.23 -4.27 8.01
N SER B 22 20.04 -3.94 8.53
CA SER B 22 19.58 -4.52 9.78
C SER B 22 18.21 -5.19 9.64
N VAL B 23 17.94 -6.13 10.53
CA VAL B 23 16.66 -6.81 10.50
C VAL B 23 15.64 -5.86 11.12
N VAL B 24 14.67 -5.41 10.34
CA VAL B 24 13.63 -4.56 10.89
C VAL B 24 12.34 -5.26 11.31
N LYS B 25 12.18 -6.50 10.87
CA LYS B 25 11.00 -7.27 11.27
C LYS B 25 11.37 -8.74 11.46
N LYS B 26 10.90 -9.36 12.54
CA LYS B 26 11.28 -10.73 12.82
C LYS B 26 10.20 -11.75 12.43
N PHE B 27 10.53 -13.03 12.55
CA PHE B 27 9.61 -14.12 12.24
C PHE B 27 8.68 -14.29 13.43
N TYR B 28 7.37 -14.27 13.20
CA TYR B 28 6.44 -14.24 14.32
C TYR B 28 6.46 -15.56 15.11
N GLU B 29 6.72 -15.47 16.41
CA GLU B 29 6.71 -16.64 17.27
C GLU B 29 5.62 -16.39 18.29
N THR B 30 4.65 -17.29 18.38
CA THR B 30 3.75 -17.20 19.50
C THR B 30 4.59 -17.76 20.62
N ASP B 31 4.09 -17.76 21.85
CA ASP B 31 4.96 -18.18 22.94
C ASP B 31 6.24 -17.37 22.79
N ALA B 32 6.07 -16.06 22.75
CA ALA B 32 7.16 -15.10 22.74
C ALA B 32 6.57 -13.85 23.36
N ALA B 33 7.41 -12.95 23.86
CA ALA B 33 6.90 -11.78 24.55
C ALA B 33 5.89 -11.12 23.64
N LYS B 34 4.81 -10.60 24.19
CA LYS B 34 3.92 -9.86 23.32
C LYS B 34 4.69 -8.59 22.99
N GLU B 35 4.14 -7.77 22.12
CA GLU B 35 4.79 -6.53 21.72
C GLU B 35 6.03 -6.78 20.87
N GLU B 36 6.60 -7.99 20.96
CA GLU B 36 7.51 -8.43 19.93
C GLU B 36 6.76 -9.35 18.98
N LYS B 37 5.59 -9.80 19.43
CA LYS B 37 4.63 -10.44 18.55
C LYS B 37 4.05 -9.31 17.74
N GLU B 38 3.61 -8.28 18.45
CA GLU B 38 3.05 -7.10 17.82
C GLU B 38 3.99 -6.51 16.74
N ALA B 39 5.29 -6.67 16.95
CA ALA B 39 6.26 -6.17 15.99
C ALA B 39 6.60 -7.23 14.93
N ALA B 40 5.98 -8.40 15.05
CA ALA B 40 6.06 -9.45 14.02
C ALA B 40 4.83 -9.51 13.12
N LEU B 41 3.91 -8.57 13.29
CA LEU B 41 2.74 -8.49 12.41
C LEU B 41 3.07 -7.73 11.14
N VAL B 42 2.54 -8.20 10.01
CA VAL B 42 2.60 -7.44 8.77
C VAL B 42 1.20 -6.94 8.50
N THR B 43 1.06 -5.76 7.92
CA THR B 43 -0.27 -5.15 7.82
C THR B 43 -0.46 -4.25 6.61
N TYR B 44 -1.71 -4.20 6.17
CA TYR B 44 -2.16 -3.35 5.07
C TYR B 44 -3.59 -2.98 5.32
N ASN B 45 -3.94 -1.74 5.06
CA ASN B 45 -5.30 -1.28 5.38
C ASN B 45 -5.75 -1.75 6.78
N ASN B 46 -6.87 -2.46 6.81
CA ASN B 46 -7.47 -2.87 8.06
C ASN B 46 -7.01 -4.25 8.50
N THR B 47 -6.11 -4.85 7.74
CA THR B 47 -5.82 -6.26 7.98
C THR B 47 -4.38 -6.56 8.42
N TYR B 48 -4.26 -7.47 9.39
CA TYR B 48 -2.99 -7.84 9.98
C TYR B 48 -2.73 -9.33 9.82
N SER B 49 -1.48 -9.68 9.60
CA SER B 49 -1.10 -11.06 9.30
C SER B 49 0.25 -11.37 9.98
N LEU B 50 0.71 -12.61 9.92
CA LEU B 50 1.98 -12.94 10.56
C LEU B 50 3.13 -12.72 9.62
N SER B 51 4.24 -12.24 10.15
CA SER B 51 5.46 -12.22 9.37
C SER B 51 5.97 -13.65 9.32
N LYS B 52 6.11 -14.16 8.10
CA LYS B 52 6.61 -15.50 7.81
C LYS B 52 8.10 -15.56 7.50
N GLY B 53 8.82 -14.49 7.77
CA GLY B 53 10.22 -14.39 7.40
C GLY B 53 10.78 -13.22 8.14
N ILE B 54 11.92 -12.70 7.67
CA ILE B 54 12.45 -11.46 8.22
C ILE B 54 12.47 -10.38 7.16
N ASP B 55 12.49 -9.11 7.59
CA ASP B 55 12.63 -7.96 6.70
C ASP B 55 13.92 -7.19 6.96
N LEU B 56 14.76 -7.13 5.93
CA LEU B 56 16.05 -6.42 5.99
C LEU B 56 15.96 -4.96 5.45
N ALA B 57 16.76 -4.06 6.00
CA ALA B 57 16.81 -2.72 5.41
C ALA B 57 17.90 -1.80 5.96
N GLU B 58 18.27 -0.82 5.14
CA GLU B 58 19.35 0.11 5.47
C GLU B 58 18.80 1.21 6.33
N LYS B 59 19.56 1.63 7.33
CA LYS B 59 19.17 2.77 8.15
C LYS B 59 18.96 3.94 7.20
N ASP B 60 17.90 4.71 7.44
CA ASP B 60 17.41 5.80 6.58
C ASP B 60 16.49 5.33 5.45
N GLY B 61 16.54 4.04 5.17
CA GLY B 61 15.82 3.45 4.04
C GLY B 61 16.70 3.75 2.85
N LYS B 62 16.77 2.84 1.90
CA LYS B 62 17.45 3.10 0.63
C LYS B 62 17.49 1.78 -0.05
N ASP B 63 17.72 1.76 -1.36
CA ASP B 63 17.73 0.47 -2.03
C ASP B 63 19.09 -0.16 -1.81
N PHE B 64 19.23 -1.39 -2.28
CA PHE B 64 20.48 -2.12 -2.15
C PHE B 64 20.30 -3.50 -2.74
N ASP B 65 21.41 -4.15 -3.06
CA ASP B 65 21.37 -5.38 -3.84
C ASP B 65 21.01 -6.56 -2.95
N VAL B 66 20.28 -7.52 -3.52
CA VAL B 66 19.84 -8.66 -2.72
C VAL B 66 20.57 -9.89 -3.22
N SER B 67 21.53 -10.35 -2.42
CA SER B 67 22.34 -11.50 -2.78
C SER B 67 21.57 -12.77 -2.47
N ALA B 68 21.81 -13.82 -3.23
CA ALA B 68 21.22 -15.09 -2.89
C ALA B 68 21.82 -15.60 -1.57
N SER B 69 21.00 -16.31 -0.80
CA SER B 69 21.50 -17.16 0.27
C SER B 69 21.89 -18.44 -0.42
N LEU B 70 22.13 -19.51 0.34
CA LEU B 70 22.81 -20.65 -0.26
C LEU B 70 22.20 -21.02 -1.63
N SER B 71 23.06 -21.50 -2.54
CA SER B 71 22.75 -21.54 -3.98
C SER B 71 21.84 -22.65 -4.51
N GLY B 72 21.54 -22.58 -5.80
CA GLY B 72 20.62 -23.50 -6.43
C GLY B 72 19.82 -22.85 -7.54
N THR B 73 18.83 -23.58 -8.06
CA THR B 73 18.08 -23.13 -9.24
C THR B 73 16.89 -22.22 -8.91
N VAL B 74 16.60 -21.27 -9.81
CA VAL B 74 15.50 -20.33 -9.60
C VAL B 74 14.16 -20.86 -10.07
N VAL B 75 13.25 -21.06 -9.13
CA VAL B 75 11.92 -21.60 -9.44
C VAL B 75 10.94 -20.52 -9.92
N LYS B 76 11.15 -19.28 -9.48
CA LYS B 76 10.23 -18.20 -9.82
C LYS B 76 10.91 -16.84 -9.86
N ALA B 77 10.56 -16.02 -10.85
CA ALA B 77 10.92 -14.60 -10.85
C ALA B 77 9.82 -13.82 -11.54
N GLU B 78 9.37 -12.73 -10.93
CA GLU B 78 8.22 -11.99 -11.44
C GLU B 78 7.77 -10.84 -10.55
N LYS B 79 6.89 -10.00 -11.08
CA LYS B 79 6.17 -9.02 -10.27
C LYS B 79 4.90 -9.70 -9.76
N ASP B 80 4.62 -9.51 -8.48
CA ASP B 80 3.30 -9.72 -7.91
C ASP B 80 2.74 -8.37 -7.52
N PRO B 81 1.49 -8.08 -7.94
CA PRO B 81 0.99 -6.76 -7.55
C PRO B 81 1.11 -6.54 -6.04
N VAL B 82 0.70 -7.49 -5.21
CA VAL B 82 0.85 -7.37 -3.75
C VAL B 82 2.30 -7.38 -3.23
N LEU B 83 3.11 -8.32 -3.69
CA LEU B 83 4.41 -8.53 -3.05
C LEU B 83 5.58 -7.83 -3.68
N GLY B 84 5.34 -7.00 -4.69
CA GLY B 84 6.43 -6.39 -5.44
C GLY B 84 7.14 -7.45 -6.26
N TYR B 85 8.44 -7.28 -6.45
CA TYR B 85 9.21 -8.28 -7.19
C TYR B 85 9.62 -9.46 -6.30
N VAL B 86 9.28 -10.66 -6.75
CA VAL B 86 9.51 -11.87 -5.97
C VAL B 86 10.32 -12.90 -6.73
N VAL B 87 11.36 -13.43 -6.10
CA VAL B 87 12.10 -14.57 -6.64
C VAL B 87 12.14 -15.70 -5.63
N GLU B 88 12.08 -16.92 -6.15
CA GLU B 88 12.13 -18.09 -5.32
C GLU B 88 13.21 -19.02 -5.82
N VAL B 89 14.06 -19.48 -4.90
CA VAL B 89 15.13 -20.39 -5.28
C VAL B 89 15.03 -21.70 -4.53
N GLU B 90 14.92 -22.80 -5.28
CA GLU B 90 14.89 -24.11 -4.67
C GLU B 90 16.30 -24.56 -4.29
N HIS B 91 16.38 -25.42 -3.28
CA HIS B 91 17.65 -25.96 -2.82
C HIS B 91 17.48 -27.43 -2.50
N ALA B 92 18.51 -27.99 -1.88
CA ALA B 92 18.59 -29.40 -1.56
C ALA B 92 17.51 -29.91 -0.61
N ASP B 93 16.87 -31.01 -0.99
CA ASP B 93 16.00 -31.76 -0.10
C ASP B 93 14.87 -30.96 0.57
N GLY B 94 14.07 -30.27 -0.24
CA GLY B 94 12.88 -29.61 0.28
C GLY B 94 13.10 -28.17 0.70
N LEU B 95 14.36 -27.73 0.72
CA LEU B 95 14.68 -26.36 1.10
C LEU B 95 14.38 -25.39 -0.02
N SER B 96 13.96 -24.20 0.36
CA SER B 96 13.85 -23.10 -0.58
C SER B 96 13.95 -21.79 0.17
N THR B 97 14.42 -20.77 -0.53
CA THR B 97 14.44 -19.43 0.02
C THR B 97 13.58 -18.53 -0.84
N VAL B 98 13.15 -17.42 -0.26
CA VAL B 98 12.23 -16.54 -0.93
C VAL B 98 12.64 -15.12 -0.70
N TYR B 99 12.54 -14.31 -1.74
CA TYR B 99 12.95 -12.92 -1.65
C TYR B 99 11.84 -12.11 -2.27
N GLN B 100 11.24 -11.24 -1.47
CA GLN B 100 10.08 -10.50 -1.94
C GLN B 100 10.22 -9.03 -1.62
N SER B 101 9.32 -8.22 -2.19
CA SER B 101 9.40 -6.77 -2.05
C SER B 101 10.63 -6.24 -2.76
N LEU B 102 11.07 -6.95 -3.79
CA LEU B 102 12.17 -6.47 -4.63
C LEU B 102 11.76 -5.27 -5.48
N SER B 103 12.71 -4.43 -5.88
CA SER B 103 12.44 -3.38 -6.84
C SER B 103 12.70 -3.85 -8.28
N GLU B 104 13.36 -5.00 -8.42
CA GLU B 104 13.69 -5.56 -9.73
C GLU B 104 14.40 -6.89 -9.55
N VAL B 105 14.60 -7.62 -10.64
CA VAL B 105 15.26 -8.91 -10.55
C VAL B 105 16.36 -9.06 -11.60
N SER B 106 17.44 -9.73 -11.21
CA SER B 106 18.58 -10.00 -12.10
C SER B 106 18.59 -11.39 -12.75
N VAL B 107 17.51 -12.14 -12.59
CA VAL B 107 17.48 -13.47 -13.18
C VAL B 107 16.10 -13.86 -13.65
N GLU B 108 16.00 -15.01 -14.30
CA GLU B 108 14.73 -15.50 -14.77
C GLU B 108 14.57 -16.92 -14.30
N GLN B 109 13.37 -17.45 -14.39
CA GLN B 109 13.14 -18.83 -13.99
C GLN B 109 14.14 -19.69 -14.76
N GLY B 110 14.58 -20.77 -14.13
CA GLY B 110 15.50 -21.70 -14.75
C GLY B 110 16.95 -21.35 -14.50
N ASP B 111 17.24 -20.08 -14.22
CA ASP B 111 18.63 -19.67 -13.97
C ASP B 111 19.25 -20.48 -12.83
N LYS B 112 20.43 -21.04 -13.05
CA LYS B 112 21.16 -21.64 -11.96
C LYS B 112 21.89 -20.51 -11.25
N VAL B 113 21.90 -20.52 -9.92
CA VAL B 113 22.54 -19.43 -9.18
C VAL B 113 23.47 -19.91 -8.07
N LYS B 114 24.48 -19.08 -7.80
CA LYS B 114 25.46 -19.39 -6.79
C LYS B 114 25.32 -18.42 -5.63
N GLN B 115 25.49 -18.97 -4.42
CA GLN B 115 25.29 -18.19 -3.21
C GLN B 115 26.05 -16.87 -3.24
N ASN B 116 25.39 -15.82 -2.79
CA ASN B 116 25.93 -14.46 -2.75
C ASN B 116 25.94 -13.78 -4.10
N GLN B 117 25.54 -14.53 -5.14
CA GLN B 117 25.22 -13.96 -6.44
C GLN B 117 24.07 -12.98 -6.32
N VAL B 118 24.30 -11.75 -6.78
CA VAL B 118 23.32 -10.69 -6.64
C VAL B 118 22.03 -10.98 -7.40
N ILE B 119 20.91 -10.50 -6.86
CA ILE B 119 19.66 -10.37 -7.60
C ILE B 119 19.10 -8.99 -7.29
N GLY B 120 17.88 -8.69 -7.75
CA GLY B 120 17.44 -7.32 -7.87
C GLY B 120 17.56 -6.55 -6.58
N LYS B 121 17.44 -5.22 -6.64
CA LYS B 121 17.62 -4.43 -5.44
C LYS B 121 16.40 -4.56 -4.52
N SER B 122 16.46 -3.93 -3.36
CA SER B 122 15.33 -3.93 -2.47
C SER B 122 14.23 -2.99 -3.01
N GLY B 123 13.01 -3.15 -2.51
CA GLY B 123 11.86 -2.49 -3.08
C GLY B 123 10.75 -2.33 -2.06
N LYS B 124 9.57 -1.97 -2.54
CA LYS B 124 8.41 -1.83 -1.69
C LYS B 124 7.34 -2.78 -2.20
N ASN B 125 6.33 -3.04 -1.38
CA ASN B 125 5.16 -3.80 -1.75
C ASN B 125 4.11 -3.39 -0.74
N LEU B 126 2.90 -3.94 -0.82
CA LEU B 126 1.78 -3.48 0.01
C LEU B 126 2.08 -3.46 1.49
N TYR B 127 3.05 -4.26 1.89
CA TYR B 127 3.29 -4.41 3.30
C TYR B 127 4.31 -3.44 3.84
N SER B 128 4.95 -2.68 2.95
CA SER B 128 5.89 -1.65 3.40
C SER B 128 5.17 -0.80 4.43
N GLU B 129 5.78 -0.61 5.58
CA GLU B 129 5.34 0.46 6.44
C GLU B 129 6.43 1.49 6.23
N ASP B 130 6.24 2.68 6.78
CA ASP B 130 7.11 3.84 6.48
C ASP B 130 7.42 4.09 4.98
N SER B 131 8.64 4.52 4.70
CA SER B 131 9.03 4.92 3.33
C SER B 131 9.86 3.92 2.54
N GLY B 132 10.13 2.75 3.13
CA GLY B 132 10.87 1.71 2.43
C GLY B 132 12.27 2.18 2.09
N ASN B 133 13.03 1.35 1.36
CA ASN B 133 12.58 0.04 0.93
C ASN B 133 13.20 -1.08 1.75
N HIS B 134 12.79 -2.31 1.48
CA HIS B 134 13.27 -3.46 2.23
C HIS B 134 13.24 -4.69 1.37
N VAL B 135 13.74 -5.80 1.91
CA VAL B 135 13.57 -7.08 1.25
C VAL B 135 12.87 -7.97 2.25
N HIS B 136 11.98 -8.82 1.78
CA HIS B 136 11.41 -9.87 2.62
C HIS B 136 12.01 -11.22 2.27
N PHE B 137 12.43 -11.93 3.30
CA PHE B 137 13.20 -13.15 3.12
C PHE B 137 12.57 -14.28 3.91
N GLU B 138 12.49 -15.47 3.30
CA GLU B 138 11.93 -16.62 3.97
C GLU B 138 12.73 -17.87 3.65
N ILE B 139 12.69 -18.85 4.55
CA ILE B 139 13.23 -20.19 4.29
C ILE B 139 12.17 -21.23 4.58
N ARG B 140 12.02 -22.18 3.67
CA ARG B 140 10.93 -23.12 3.77
C ARG B 140 11.40 -24.56 3.60
N LYS B 141 10.99 -25.44 4.50
CA LYS B 141 11.25 -26.87 4.33
C LYS B 141 9.97 -27.50 3.86
N ASP B 142 9.95 -27.90 2.60
CA ASP B 142 8.76 -28.47 2.01
C ASP B 142 7.63 -27.48 2.18
N GLY B 143 7.91 -26.24 1.82
CA GLY B 143 6.91 -25.20 1.82
C GLY B 143 6.50 -24.62 3.17
N VAL B 144 7.04 -25.15 4.28
CA VAL B 144 6.76 -24.60 5.60
C VAL B 144 7.81 -23.59 6.04
N ALA B 145 7.39 -22.40 6.45
CA ALA B 145 8.35 -21.34 6.78
C ALA B 145 8.94 -21.48 8.17
N MSE B 146 10.23 -21.19 8.28
CA MSE B 146 10.95 -21.26 9.54
C MSE B 146 11.64 -19.96 9.86
O MSE B 146 11.86 -19.14 8.98
CB MSE B 146 11.99 -22.37 9.49
CG MSE B 146 11.38 -23.71 9.24
SE MSE B 146 12.69 -25.00 8.63
CE MSE B 146 13.26 -24.33 6.91
N ASN B 147 12.01 -19.77 11.12
CA ASN B 147 12.63 -18.52 11.49
C ASN B 147 14.00 -18.38 10.86
N PRO B 148 14.13 -17.45 9.91
CA PRO B 148 15.40 -17.44 9.18
C PRO B 148 16.59 -17.18 10.11
N LEU B 149 16.36 -16.49 11.21
CA LEU B 149 17.43 -16.17 12.16
C LEU B 149 17.97 -17.37 12.93
N ASN B 150 17.32 -18.51 12.80
CA ASN B 150 17.82 -19.74 13.40
C ASN B 150 18.86 -20.35 12.51
N PHE B 151 18.94 -19.86 11.28
CA PHE B 151 20.00 -20.24 10.36
C PHE B 151 21.12 -19.22 10.24
N MSE B 152 21.07 -18.19 11.06
CA MSE B 152 22.11 -17.18 11.04
C MSE B 152 22.63 -16.82 12.42
O MSE B 152 21.92 -16.94 13.42
CB MSE B 152 21.58 -15.94 10.33
CG MSE B 152 21.27 -16.22 8.88
SE MSE B 152 19.92 -15.02 8.16
CE MSE B 152 20.21 -15.45 6.27
N ASP C 19 15.58 14.33 16.13
CA ASP C 19 14.23 14.86 16.22
C ASP C 19 13.63 15.04 14.83
N LEU C 20 12.63 14.22 14.51
CA LEU C 20 12.02 14.20 13.19
C LEU C 20 11.67 15.59 12.68
N PHE C 21 11.18 16.43 13.58
CA PHE C 21 10.93 17.81 13.22
C PHE C 21 12.19 18.55 12.76
N THR C 22 13.06 18.86 13.71
CA THR C 22 14.26 19.63 13.38
C THR C 22 15.19 18.85 12.44
N THR C 23 14.92 17.56 12.27
CA THR C 23 15.57 16.84 11.19
C THR C 23 15.14 17.53 9.91
N TYR C 24 13.84 17.81 9.81
CA TYR C 24 13.26 18.49 8.63
C TYR C 24 13.65 19.96 8.53
N ARG C 25 13.41 20.71 9.61
CA ARG C 25 13.68 22.15 9.61
C ARG C 25 15.11 22.46 9.23
N LEU C 26 16.05 21.67 9.74
CA LEU C 26 17.46 21.89 9.45
C LEU C 26 17.85 21.43 8.05
N ASP C 27 17.08 20.47 7.52
CA ASP C 27 17.33 19.98 6.17
C ASP C 27 16.81 20.97 5.16
N LEU C 28 15.76 21.69 5.56
CA LEU C 28 15.19 22.74 4.73
C LEU C 28 16.13 23.94 4.68
N GLU C 29 16.52 24.42 5.85
CA GLU C 29 17.42 25.56 5.94
C GLU C 29 18.67 25.37 5.11
N ASP C 30 19.08 24.10 4.93
CA ASP C 30 20.30 23.79 4.20
C ASP C 30 20.13 23.88 2.70
N ALA C 31 18.98 23.41 2.22
CA ALA C 31 18.62 23.56 0.82
C ALA C 31 18.60 25.04 0.50
N ARG C 32 17.78 25.76 1.26
CA ARG C 32 17.70 27.20 1.16
C ARG C 32 19.09 27.85 1.11
N SER C 33 19.85 27.78 2.21
CA SER C 33 21.12 28.49 2.24
C SER C 33 22.05 28.02 1.16
N LYS C 34 21.77 26.85 0.59
CA LYS C 34 22.53 26.32 -0.54
C LYS C 34 22.16 27.02 -1.85
N GLU C 35 20.86 27.11 -2.13
CA GLU C 35 20.39 27.87 -3.30
C GLU C 35 20.84 29.33 -3.23
N ARG C 36 20.83 29.90 -2.03
CA ARG C 36 21.33 31.25 -1.86
C ARG C 36 22.81 31.30 -2.22
N GLU C 37 23.60 30.45 -1.59
CA GLU C 37 25.04 30.34 -1.87
C GLU C 37 25.31 30.25 -3.38
N GLU C 38 24.48 29.49 -4.09
CA GLU C 38 24.73 29.20 -5.51
C GLU C 38 24.36 30.35 -6.43
N LEU C 39 23.26 31.03 -6.11
CA LEU C 39 22.84 32.26 -6.80
C LEU C 39 23.87 33.38 -6.57
N ASN C 40 24.55 33.32 -5.44
CA ASN C 40 25.63 34.27 -5.13
C ASN C 40 26.83 34.18 -6.06
N ALA C 41 27.27 32.95 -6.36
CA ALA C 41 28.40 32.74 -7.25
C ALA C 41 28.07 33.21 -8.66
N ILE C 42 26.78 33.31 -8.98
CA ILE C 42 26.37 33.85 -10.25
C ILE C 42 26.58 35.37 -10.30
N VAL C 43 26.06 36.08 -9.31
CA VAL C 43 26.24 37.54 -9.27
C VAL C 43 27.65 37.98 -8.86
N SER C 44 28.34 37.14 -8.11
CA SER C 44 29.74 37.43 -7.81
C SER C 44 30.56 37.26 -9.09
N SER C 45 29.99 36.53 -10.04
CA SER C 45 30.74 36.08 -11.21
C SER C 45 30.92 37.15 -12.29
N ASP C 46 32.20 37.44 -12.55
CA ASP C 46 32.61 38.32 -13.64
C ASP C 46 32.10 37.79 -14.98
N ASP C 47 32.16 36.46 -15.10
CA ASP C 47 31.76 35.76 -16.30
C ASP C 47 30.27 35.84 -16.63
N ALA C 48 29.48 36.42 -15.74
CA ALA C 48 28.01 36.46 -15.86
C ALA C 48 27.40 37.64 -16.64
N THR C 49 26.59 37.34 -17.65
CA THR C 49 25.83 38.38 -18.36
C THR C 49 24.96 39.17 -17.39
N ALA C 50 24.90 40.49 -17.55
CA ALA C 50 24.09 41.30 -16.65
C ALA C 50 22.63 40.85 -16.64
N LYS C 51 22.09 40.44 -17.77
CA LYS C 51 20.73 39.94 -17.76
C LYS C 51 20.69 38.66 -16.90
N GLU C 52 21.81 37.95 -16.83
CA GLU C 52 21.93 36.76 -15.99
C GLU C 52 22.01 37.16 -14.53
N LYS C 53 22.92 38.09 -14.22
CA LYS C 53 23.09 38.56 -12.86
C LYS C 53 21.76 39.10 -12.32
N SER C 54 21.11 39.92 -13.13
CA SER C 54 19.84 40.50 -12.74
C SER C 54 18.82 39.40 -12.46
N GLU C 55 18.90 38.31 -13.22
CA GLU C 55 17.96 37.21 -13.04
C GLU C 55 18.18 36.36 -11.77
N ALA C 56 19.43 36.20 -11.34
CA ALA C 56 19.67 35.53 -10.08
C ALA C 56 19.24 36.43 -8.92
N TYR C 57 19.28 37.74 -9.13
CA TYR C 57 18.77 38.66 -8.14
C TYR C 57 17.27 38.45 -8.08
N ASP C 58 16.64 38.40 -9.25
CA ASP C 58 15.20 38.14 -9.28
C ASP C 58 14.83 36.88 -8.50
N LYS C 59 15.63 35.83 -8.65
CA LYS C 59 15.34 34.55 -7.99
C LYS C 59 15.51 34.68 -6.49
N MSE C 60 16.65 35.19 -6.06
CA MSE C 60 16.88 35.45 -4.66
C MSE C 60 15.70 36.18 -4.04
O MSE C 60 15.27 35.87 -2.94
CB MSE C 60 18.11 36.30 -4.48
CG MSE C 60 19.38 35.50 -4.43
SE MSE C 60 20.88 36.71 -4.23
CE MSE C 60 22.24 35.33 -4.00
N THR C 61 15.20 37.17 -4.76
CA THR C 61 14.13 37.99 -4.25
C THR C 61 12.92 37.13 -4.00
N ALA C 62 12.54 36.36 -5.01
CA ALA C 62 11.32 35.58 -4.98
C ALA C 62 11.39 34.51 -3.91
N LEU C 63 12.57 33.91 -3.77
CA LEU C 63 12.76 32.92 -2.74
C LEU C 63 12.49 33.58 -1.40
N SER C 64 13.08 34.74 -1.22
CA SER C 64 12.86 35.57 -0.04
C SER C 64 11.38 35.83 0.27
N GLU C 65 10.59 36.08 -0.76
CA GLU C 65 9.16 36.38 -0.53
C GLU C 65 8.43 35.10 -0.14
N VAL C 66 8.84 33.99 -0.72
CA VAL C 66 8.34 32.68 -0.34
C VAL C 66 8.60 32.42 1.14
N GLU C 67 9.84 32.62 1.57
CA GLU C 67 10.18 32.32 2.95
C GLU C 67 9.30 33.09 3.93
N GLY C 68 8.91 34.29 3.53
CA GLY C 68 8.06 35.12 4.35
C GLY C 68 6.63 34.62 4.39
N THR C 69 6.16 34.09 3.27
CA THR C 69 4.85 33.46 3.25
C THR C 69 4.88 32.24 4.15
N GLU C 70 5.95 31.48 4.11
CA GLU C 70 6.01 30.32 4.95
C GLU C 70 5.99 30.77 6.39
N LYS C 71 6.60 31.92 6.66
CA LYS C 71 6.66 32.36 8.05
C LYS C 71 5.27 32.78 8.51
N GLN C 72 4.54 33.46 7.64
CA GLN C 72 3.18 33.88 8.00
C GLN C 72 2.32 32.65 8.27
N LEU C 73 2.47 31.63 7.44
CA LEU C 73 1.64 30.44 7.54
C LEU C 73 1.99 29.63 8.77
N GLU C 74 3.27 29.42 9.01
CA GLU C 74 3.67 28.71 10.20
C GLU C 74 3.09 29.41 11.42
N THR C 75 3.10 30.74 11.38
CA THR C 75 2.64 31.53 12.51
C THR C 75 1.13 31.37 12.75
N LEU C 76 0.29 31.63 11.74
CA LEU C 76 -1.15 31.35 11.88
C LEU C 76 -1.44 29.90 12.35
N ILE C 77 -0.72 28.96 11.78
CA ILE C 77 -1.00 27.55 12.03
C ILE C 77 -0.73 27.17 13.48
N LYS C 78 0.28 27.79 14.07
CA LYS C 78 0.66 27.50 15.46
C LYS C 78 -0.39 28.00 16.44
N THR C 79 -1.29 28.88 15.98
CA THR C 79 -2.34 29.40 16.84
C THR C 79 -3.55 28.47 16.92
N GLN C 80 -3.45 27.32 16.27
CA GLN C 80 -4.48 26.28 16.36
C GLN C 80 -4.17 25.22 17.39
N GLY C 81 -3.14 25.42 18.21
CA GLY C 81 -2.51 24.31 18.92
C GLY C 81 -1.16 24.19 18.25
N TYR C 82 -0.45 23.08 18.42
CA TYR C 82 0.81 22.96 17.69
C TYR C 82 1.89 23.96 18.14
N GLU C 83 2.66 23.60 19.15
CA GLU C 83 3.78 24.45 19.54
C GLU C 83 4.79 24.68 18.40
N ASP C 84 4.77 23.86 17.35
CA ASP C 84 5.60 24.18 16.19
C ASP C 84 5.04 23.72 14.85
N ALA C 85 5.40 24.43 13.78
CA ALA C 85 4.99 24.11 12.42
C ALA C 85 6.09 24.48 11.47
N LEU C 86 6.25 23.70 10.41
CA LEU C 86 7.24 23.97 9.39
C LEU C 86 6.63 23.96 7.98
N VAL C 87 6.59 25.10 7.32
CA VAL C 87 6.05 25.15 5.97
C VAL C 87 7.11 25.29 4.87
N ASN C 88 6.86 24.61 3.75
CA ASN C 88 7.66 24.74 2.54
C ASN C 88 6.72 24.99 1.35
N ALA C 89 6.79 26.17 0.71
CA ALA C 89 5.95 26.38 -0.48
C ALA C 89 6.76 26.15 -1.75
N GLU C 90 7.54 27.12 -2.19
CA GLU C 90 8.42 26.83 -3.32
C GLU C 90 7.63 26.22 -4.50
N GLY C 91 7.74 24.90 -4.68
CA GLY C 91 7.05 24.23 -5.76
C GLY C 91 5.52 24.25 -5.72
N ASP C 92 4.90 23.50 -6.63
CA ASP C 92 3.45 23.53 -6.79
C ASP C 92 2.73 22.98 -5.57
N LYS C 93 3.40 22.06 -4.88
CA LYS C 93 2.89 21.45 -3.66
C LYS C 93 3.40 22.11 -2.37
N ILE C 94 2.48 22.41 -1.45
CA ILE C 94 2.85 22.94 -0.14
C ILE C 94 3.07 21.78 0.85
N ASN C 95 4.27 21.68 1.41
CA ASN C 95 4.55 20.68 2.44
C ASN C 95 4.54 21.23 3.85
N ILE C 96 3.53 20.89 4.63
CA ILE C 96 3.48 21.36 6.00
C ILE C 96 3.81 20.24 6.95
N THR C 97 4.81 20.43 7.79
CA THR C 97 5.03 19.50 8.89
C THR C 97 4.65 20.14 10.22
N VAL C 98 3.88 19.43 11.03
CA VAL C 98 3.45 19.97 12.30
C VAL C 98 3.92 19.08 13.46
N LYS C 99 4.12 19.68 14.64
CA LYS C 99 4.48 18.91 15.82
C LYS C 99 3.28 18.78 16.75
N SER C 100 2.86 17.53 16.92
CA SER C 100 1.87 17.14 17.89
C SER C 100 1.69 15.65 17.70
N ASP C 101 1.17 14.96 18.71
CA ASP C 101 1.01 13.52 18.61
C ASP C 101 -0.25 13.12 17.84
N LYS C 102 -1.30 13.93 18.00
CA LYS C 102 -2.66 13.65 17.50
C LYS C 102 -2.88 13.83 15.98
N HIS C 103 -3.54 12.83 15.38
CA HIS C 103 -3.63 12.61 13.94
C HIS C 103 -4.89 13.09 13.22
N SER C 104 -5.82 13.75 13.89
CA SER C 104 -7.17 13.86 13.32
C SER C 104 -7.21 14.29 11.82
N LYS C 105 -8.00 13.59 11.01
CA LYS C 105 -8.36 14.08 9.68
C LYS C 105 -9.02 15.44 9.82
N SER C 106 -9.71 15.65 10.93
CA SER C 106 -10.35 16.92 11.18
C SER C 106 -9.34 18.00 11.52
N LYS C 107 -8.23 17.59 12.15
CA LYS C 107 -7.10 18.48 12.43
C LYS C 107 -6.52 18.98 11.11
N ALA C 108 -6.14 18.02 10.27
CA ALA C 108 -5.53 18.29 8.96
C ALA C 108 -6.41 19.13 8.06
N THR C 109 -7.71 19.14 8.29
CA THR C 109 -8.57 19.94 7.45
C THR C 109 -8.39 21.40 7.80
N ALA C 110 -8.43 21.69 9.09
CA ALA C 110 -8.37 23.08 9.54
C ALA C 110 -7.12 23.80 9.04
N ILE C 111 -6.02 23.06 8.94
CA ILE C 111 -4.77 23.61 8.45
C ILE C 111 -4.88 23.88 6.96
N ILE C 112 -5.33 22.89 6.22
CA ILE C 112 -5.52 23.04 4.81
C ILE C 112 -6.44 24.21 4.51
N ASP C 113 -7.49 24.36 5.31
CA ASP C 113 -8.48 25.40 5.04
C ASP C 113 -7.89 26.80 5.09
N LEU C 114 -7.01 27.05 6.05
CA LEU C 114 -6.42 28.37 6.10
C LEU C 114 -5.38 28.57 4.98
N VAL C 115 -4.50 27.61 4.78
CA VAL C 115 -3.55 27.69 3.68
C VAL C 115 -4.23 28.06 2.37
N ALA C 116 -5.41 27.53 2.14
CA ALA C 116 -6.14 27.83 0.92
C ALA C 116 -6.68 29.26 0.95
N LYS C 117 -7.21 29.67 2.11
CA LYS C 117 -7.68 31.03 2.28
C LYS C 117 -6.53 32.01 2.04
N GLU C 118 -5.47 31.87 2.80
CA GLU C 118 -4.33 32.77 2.68
C GLU C 118 -3.74 32.76 1.28
N ILE C 119 -3.08 31.67 0.91
CA ILE C 119 -2.41 31.62 -0.37
C ILE C 119 -3.17 30.82 -1.43
N LYS C 120 -3.49 31.48 -2.52
CA LYS C 120 -4.13 30.82 -3.66
C LYS C 120 -3.05 30.16 -4.51
N THR C 121 -3.43 29.76 -5.72
CA THR C 121 -2.57 29.08 -6.71
C THR C 121 -2.39 27.60 -6.39
N MSE C 122 -2.57 27.23 -5.13
CA MSE C 122 -3.22 25.97 -4.73
C MSE C 122 -3.08 24.68 -5.55
O MSE C 122 -4.06 24.20 -6.11
CB MSE C 122 -4.71 26.23 -4.44
CG MSE C 122 -5.02 26.00 -3.00
SE MSE C 122 -3.62 24.88 -2.17
CE MSE C 122 -4.49 24.68 -0.42
N LYS C 123 -1.90 24.06 -5.61
CA LYS C 123 -1.85 22.78 -6.31
C LYS C 123 -2.25 21.65 -5.36
N ASP C 124 -1.34 21.29 -4.47
CA ASP C 124 -1.61 20.29 -3.47
C ASP C 124 -1.02 20.78 -2.17
N VAL C 125 -1.62 20.39 -1.05
CA VAL C 125 -0.98 20.60 0.23
C VAL C 125 -0.97 19.28 0.98
N ALA C 126 0.14 19.01 1.66
CA ALA C 126 0.34 17.75 2.34
C ALA C 126 0.74 18.05 3.76
N VAL C 127 -0.14 17.70 4.71
CA VAL C 127 0.12 17.93 6.11
C VAL C 127 0.66 16.67 6.76
N THR C 128 1.84 16.77 7.35
CA THR C 128 2.40 15.68 8.12
C THR C 128 2.32 16.02 9.58
N PHE C 129 1.84 15.09 10.40
CA PHE C 129 1.86 15.27 11.84
C PHE C 129 2.95 14.42 12.50
N GLU C 130 3.91 15.09 13.12
CA GLU C 130 4.97 14.44 13.92
C GLU C 130 4.74 14.55 15.44
N PRO C 131 4.89 13.42 16.15
CA PRO C 131 4.80 13.35 17.62
C PRO C 131 5.55 14.49 18.31
N ASN D 10 -18.77 14.81 -23.07
CA ASN D 10 -18.63 13.55 -23.80
C ASN D 10 -17.62 12.57 -23.18
N VAL D 11 -17.07 12.92 -22.02
CA VAL D 11 -16.08 12.08 -21.34
C VAL D 11 -16.72 10.91 -20.59
N ALA D 12 -16.21 9.71 -20.86
CA ALA D 12 -16.81 8.50 -20.31
C ALA D 12 -16.34 8.24 -18.91
N MSE D 13 -16.65 7.06 -18.42
CA MSE D 13 -16.29 6.71 -17.09
C MSE D 13 -15.27 5.60 -17.25
O MSE D 13 -15.39 4.75 -18.13
CB MSE D 13 -17.52 6.18 -16.40
CG MSE D 13 -17.26 5.59 -15.06
SE MSE D 13 -17.85 6.75 -13.62
CE MSE D 13 -18.55 5.24 -12.45
N PRO D 14 -14.25 5.62 -16.39
CA PRO D 14 -13.05 4.79 -16.58
C PRO D 14 -13.36 3.32 -16.36
N VAL D 15 -14.53 3.06 -15.77
CA VAL D 15 -15.04 1.73 -15.51
C VAL D 15 -15.78 1.16 -16.72
N VAL D 16 -15.74 -0.15 -16.92
CA VAL D 16 -16.54 -0.79 -17.99
C VAL D 16 -17.99 -1.04 -17.58
N ASP D 17 -18.21 -1.99 -16.68
CA ASP D 17 -19.50 -2.11 -16.03
C ASP D 17 -19.65 -0.92 -15.09
N SER D 18 -20.70 -0.13 -15.26
CA SER D 18 -20.88 1.05 -14.42
C SER D 18 -21.76 0.71 -13.22
N GLU D 19 -22.22 -0.52 -13.17
CA GLU D 19 -23.10 -0.99 -12.10
C GLU D 19 -22.30 -1.69 -11.00
N ASN D 20 -22.70 -1.45 -9.74
CA ASN D 20 -21.99 -2.01 -8.58
C ASN D 20 -20.69 -1.28 -8.25
N VAL D 21 -20.21 -0.49 -9.19
CA VAL D 21 -19.05 0.38 -8.97
C VAL D 21 -19.47 1.80 -8.57
N SER D 22 -18.72 2.39 -7.66
CA SER D 22 -19.10 3.68 -7.08
C SER D 22 -17.90 4.44 -6.56
N VAL D 23 -18.08 5.73 -6.29
CA VAL D 23 -16.96 6.55 -5.87
C VAL D 23 -16.82 6.60 -4.36
N VAL D 24 -15.63 6.24 -3.92
CA VAL D 24 -15.29 6.12 -2.51
C VAL D 24 -14.59 7.39 -2.03
N LYS D 25 -13.48 7.75 -2.67
CA LYS D 25 -12.83 9.03 -2.47
C LYS D 25 -13.25 10.03 -3.56
N LYS D 26 -13.69 11.20 -3.14
CA LYS D 26 -13.91 12.30 -4.09
C LYS D 26 -12.69 13.22 -4.32
N PHE D 27 -12.92 14.33 -5.01
CA PHE D 27 -11.90 15.35 -5.29
C PHE D 27 -12.00 16.46 -4.22
N TYR D 28 -10.91 16.76 -3.53
CA TYR D 28 -10.99 17.71 -2.42
C TYR D 28 -11.30 19.11 -2.93
N GLU D 29 -12.37 19.70 -2.40
CA GLU D 29 -12.80 21.05 -2.78
C GLU D 29 -13.18 21.87 -1.56
N THR D 30 -12.46 22.97 -1.37
CA THR D 30 -12.54 23.76 -0.15
C THR D 30 -13.94 24.26 0.19
N ASP D 31 -14.65 24.76 -0.82
CA ASP D 31 -16.01 25.26 -0.63
C ASP D 31 -16.99 24.20 -0.12
N ALA D 32 -16.57 22.93 -0.16
CA ALA D 32 -17.39 21.83 0.33
C ALA D 32 -17.55 21.93 1.84
N ALA D 33 -18.52 21.21 2.41
CA ALA D 33 -18.69 21.20 3.87
C ALA D 33 -17.64 20.31 4.54
N LYS D 34 -17.62 20.30 5.87
CA LYS D 34 -16.69 19.42 6.54
C LYS D 34 -17.20 18.01 6.32
N GLU D 35 -16.43 17.03 6.77
CA GLU D 35 -16.78 15.62 6.63
C GLU D 35 -16.85 15.22 5.16
N GLU D 36 -17.09 16.20 4.29
CA GLU D 36 -17.00 15.99 2.85
C GLU D 36 -15.54 16.14 2.44
N LYS D 37 -14.88 17.11 3.08
CA LYS D 37 -13.47 17.36 2.84
C LYS D 37 -12.67 16.23 3.47
N GLU D 38 -13.02 15.89 4.70
CA GLU D 38 -12.32 14.82 5.40
C GLU D 38 -12.40 13.55 4.59
N ALA D 39 -13.47 13.43 3.82
CA ALA D 39 -13.71 12.24 3.02
C ALA D 39 -13.01 12.37 1.69
N ALA D 40 -12.54 13.57 1.39
CA ALA D 40 -11.75 13.80 0.19
C ALA D 40 -10.24 13.84 0.45
N LEU D 41 -9.81 13.53 1.67
CA LEU D 41 -8.37 13.48 2.03
C LEU D 41 -7.72 12.13 1.73
N VAL D 42 -6.50 12.17 1.24
CA VAL D 42 -5.69 10.98 1.03
C VAL D 42 -4.82 10.74 2.27
N THR D 43 -4.73 9.49 2.72
CA THR D 43 -3.83 9.20 3.82
C THR D 43 -2.76 8.20 3.45
N TYR D 44 -1.54 8.71 3.42
CA TYR D 44 -0.35 7.92 3.28
C TYR D 44 0.14 8.05 4.69
N ASN D 45 0.83 7.04 5.20
CA ASN D 45 0.83 6.87 6.64
C ASN D 45 1.23 8.13 7.36
N ASN D 46 0.32 8.63 8.19
CA ASN D 46 0.58 9.78 9.06
C ASN D 46 0.67 11.19 8.41
N THR D 47 0.69 11.26 7.08
CA THR D 47 0.51 12.53 6.38
C THR D 47 -0.78 12.57 5.55
N TYR D 48 -1.37 13.75 5.40
CA TYR D 48 -2.68 13.91 4.74
C TYR D 48 -2.62 14.77 3.46
N SER D 49 -3.00 14.23 2.31
CA SER D 49 -3.02 15.05 1.11
C SER D 49 -4.43 15.42 0.65
N LEU D 50 -4.52 16.24 -0.39
CA LEU D 50 -5.81 16.47 -1.02
C LEU D 50 -5.98 15.39 -2.07
N SER D 51 -7.20 14.87 -2.20
CA SER D 51 -7.50 13.96 -3.29
C SER D 51 -7.59 14.77 -4.57
N LYS D 52 -6.77 14.41 -5.55
CA LYS D 52 -6.72 15.10 -6.84
C LYS D 52 -7.54 14.44 -7.96
N GLY D 53 -8.38 13.49 -7.61
CA GLY D 53 -9.13 12.74 -8.59
C GLY D 53 -10.32 12.09 -7.92
N ILE D 54 -10.89 11.10 -8.57
CA ILE D 54 -11.85 10.23 -7.90
C ILE D 54 -11.30 8.82 -7.76
N ASP D 55 -11.75 8.14 -6.72
CA ASP D 55 -11.39 6.75 -6.48
C ASP D 55 -12.60 5.86 -6.66
N LEU D 56 -12.52 4.97 -7.63
CA LEU D 56 -13.62 4.04 -7.93
C LEU D 56 -13.39 2.61 -7.41
N ALA D 57 -14.44 2.03 -6.84
CA ALA D 57 -14.36 0.69 -6.27
C ALA D 57 -15.69 -0.06 -6.32
N GLU D 58 -15.60 -1.38 -6.53
CA GLU D 58 -16.77 -2.27 -6.55
C GLU D 58 -17.36 -2.43 -5.15
N LYS D 59 -18.68 -2.54 -5.08
CA LYS D 59 -19.37 -2.69 -3.79
C LYS D 59 -18.87 -3.93 -3.05
N ASP D 60 -18.49 -4.94 -3.84
CA ASP D 60 -17.95 -6.19 -3.32
C ASP D 60 -16.53 -5.98 -2.81
N GLY D 61 -15.72 -5.32 -3.61
CA GLY D 61 -14.29 -5.27 -3.36
C GLY D 61 -13.57 -6.10 -4.39
N LYS D 62 -14.35 -6.79 -5.22
CA LYS D 62 -13.81 -7.63 -6.28
C LYS D 62 -13.14 -6.76 -7.34
N ASP D 63 -12.28 -7.38 -8.16
CA ASP D 63 -11.57 -6.65 -9.21
C ASP D 63 -12.55 -6.15 -10.24
N PHE D 64 -12.09 -5.20 -11.03
CA PHE D 64 -12.87 -4.74 -12.16
C PHE D 64 -11.95 -4.23 -13.24
N ASP D 65 -12.44 -4.26 -14.47
CA ASP D 65 -11.65 -3.85 -15.59
C ASP D 65 -11.81 -2.36 -15.74
N VAL D 66 -10.70 -1.70 -16.07
CA VAL D 66 -10.68 -0.26 -16.20
C VAL D 66 -10.64 0.11 -17.66
N SER D 67 -11.75 0.66 -18.15
CA SER D 67 -11.86 1.14 -19.52
C SER D 67 -11.32 2.56 -19.61
N ALA D 68 -10.66 2.88 -20.72
CA ALA D 68 -10.21 4.23 -20.93
C ALA D 68 -11.41 5.01 -21.38
N SER D 69 -11.86 5.97 -20.60
CA SER D 69 -12.86 6.91 -21.07
C SER D 69 -12.02 7.86 -21.87
N LEU D 70 -12.58 8.50 -22.87
CA LEU D 70 -11.76 9.41 -23.68
C LEU D 70 -10.55 8.80 -24.43
N SER D 71 -10.79 8.20 -25.59
CA SER D 71 -9.71 7.79 -26.50
C SER D 71 -8.66 8.88 -26.85
N GLY D 72 -7.40 8.45 -26.89
CA GLY D 72 -6.26 9.34 -27.06
C GLY D 72 -4.99 8.51 -27.22
N THR D 73 -3.84 9.11 -26.94
CA THR D 73 -2.54 8.42 -27.03
C THR D 73 -1.91 8.20 -25.65
N VAL D 74 -1.35 7.01 -25.42
CA VAL D 74 -0.72 6.70 -24.12
C VAL D 74 0.66 7.34 -23.99
N VAL D 75 0.84 8.23 -23.02
CA VAL D 75 2.17 8.75 -22.72
C VAL D 75 2.87 8.03 -21.57
N LYS D 76 2.24 6.98 -21.03
CA LYS D 76 2.98 6.09 -20.13
C LYS D 76 2.21 4.91 -19.56
N ALA D 77 2.97 3.88 -19.19
CA ALA D 77 2.46 2.74 -18.44
C ALA D 77 3.66 2.24 -17.65
N GLU D 78 3.44 1.84 -16.41
CA GLU D 78 4.50 1.34 -15.55
C GLU D 78 4.01 1.07 -14.13
N LYS D 79 4.81 0.38 -13.35
CA LYS D 79 4.47 0.16 -11.96
C LYS D 79 5.12 1.27 -11.14
N ASP D 80 4.30 2.01 -10.41
CA ASP D 80 4.84 2.87 -9.37
C ASP D 80 4.64 2.09 -8.10
N PRO D 81 5.74 1.78 -7.42
CA PRO D 81 5.73 1.08 -6.13
C PRO D 81 4.73 1.67 -5.13
N VAL D 82 4.62 3.00 -5.04
CA VAL D 82 3.58 3.60 -4.20
C VAL D 82 2.19 3.73 -4.83
N LEU D 83 2.14 4.09 -6.10
CA LEU D 83 0.84 4.35 -6.72
C LEU D 83 0.13 3.12 -7.26
N GLY D 84 0.90 2.11 -7.62
CA GLY D 84 0.37 0.95 -8.31
C GLY D 84 0.79 1.06 -9.75
N TYR D 85 0.22 0.21 -10.59
CA TYR D 85 0.36 0.42 -12.02
C TYR D 85 -0.35 1.72 -12.33
N VAL D 86 0.34 2.62 -13.00
CA VAL D 86 -0.21 3.93 -13.30
C VAL D 86 -0.04 4.20 -14.78
N VAL D 87 -1.16 4.33 -15.49
CA VAL D 87 -1.14 4.72 -16.91
C VAL D 87 -1.67 6.15 -17.13
N GLU D 88 -1.04 6.89 -18.05
CA GLU D 88 -1.42 8.26 -18.37
C GLU D 88 -1.66 8.44 -19.86
N VAL D 89 -2.78 9.05 -20.21
CA VAL D 89 -3.13 9.24 -21.61
C VAL D 89 -3.26 10.69 -22.06
N GLU D 90 -2.49 11.08 -23.07
CA GLU D 90 -2.51 12.42 -23.61
C GLU D 90 -3.70 12.59 -24.56
N HIS D 91 -4.14 13.84 -24.69
CA HIS D 91 -5.36 14.18 -25.43
C HIS D 91 -5.25 15.53 -26.13
N ALA D 92 -6.33 15.90 -26.82
CA ALA D 92 -6.41 17.17 -27.50
C ALA D 92 -6.50 18.33 -26.52
N ASP D 93 -5.97 19.48 -26.90
CA ASP D 93 -6.18 20.72 -26.13
C ASP D 93 -5.33 20.79 -24.87
N GLY D 94 -4.60 19.72 -24.58
CA GLY D 94 -3.81 19.69 -23.36
C GLY D 94 -4.54 18.88 -22.31
N LEU D 95 -5.67 18.32 -22.69
CA LEU D 95 -6.36 17.40 -21.82
C LEU D 95 -5.46 16.22 -21.61
N SER D 96 -5.57 15.62 -20.43
CA SER D 96 -4.73 14.52 -20.04
C SER D 96 -5.61 13.71 -19.11
N THR D 97 -5.51 12.39 -19.15
CA THR D 97 -6.19 11.58 -18.13
C THR D 97 -5.21 10.65 -17.39
N VAL D 98 -5.58 10.24 -16.19
CA VAL D 98 -4.66 9.47 -15.37
C VAL D 98 -5.35 8.37 -14.59
N TYR D 99 -4.78 7.17 -14.65
CA TYR D 99 -5.34 5.98 -14.02
C TYR D 99 -4.30 5.32 -13.12
N GLN D 100 -4.56 5.26 -11.83
CA GLN D 100 -3.58 4.73 -10.91
C GLN D 100 -4.14 3.69 -9.94
N SER D 101 -3.23 2.96 -9.30
CA SER D 101 -3.59 1.84 -8.43
C SER D 101 -4.13 0.63 -9.21
N LEU D 102 -3.57 0.39 -10.38
CA LEU D 102 -3.96 -0.76 -11.20
C LEU D 102 -3.20 -2.01 -10.80
N SER D 103 -3.89 -3.15 -10.76
CA SER D 103 -3.22 -4.43 -10.55
C SER D 103 -2.37 -4.78 -11.77
N GLU D 104 -2.97 -4.69 -12.94
CA GLU D 104 -2.27 -5.00 -14.18
C GLU D 104 -2.66 -3.98 -15.22
N VAL D 105 -1.92 -3.96 -16.32
CA VAL D 105 -2.23 -3.07 -17.43
C VAL D 105 -2.28 -3.88 -18.72
N SER D 106 -3.35 -3.65 -19.50
CA SER D 106 -3.57 -4.38 -20.74
C SER D 106 -3.00 -3.61 -21.95
N VAL D 107 -2.33 -2.50 -21.67
CA VAL D 107 -1.73 -1.71 -22.74
C VAL D 107 -0.30 -1.35 -22.34
N GLU D 108 0.40 -0.63 -23.20
CA GLU D 108 1.80 -0.28 -22.97
C GLU D 108 2.09 1.06 -23.63
N GLN D 109 3.20 1.67 -23.28
CA GLN D 109 3.48 3.04 -23.67
C GLN D 109 3.38 3.24 -25.19
N GLY D 110 2.92 4.42 -25.59
CA GLY D 110 2.93 4.79 -26.99
C GLY D 110 1.73 4.35 -27.79
N ASP D 111 0.98 3.38 -27.29
CA ASP D 111 -0.21 2.93 -28.00
C ASP D 111 -1.27 4.03 -28.10
N LYS D 112 -2.00 4.06 -29.21
CA LYS D 112 -3.19 4.90 -29.30
C LYS D 112 -4.36 4.03 -28.83
N VAL D 113 -5.29 4.61 -28.08
CA VAL D 113 -6.35 3.82 -27.47
C VAL D 113 -7.75 4.34 -27.76
N LYS D 114 -8.70 3.43 -27.88
CA LYS D 114 -10.06 3.81 -28.21
C LYS D 114 -10.89 3.94 -26.95
N GLN D 115 -11.72 4.98 -26.90
CA GLN D 115 -12.56 5.22 -25.74
C GLN D 115 -13.35 3.98 -25.33
N ASN D 116 -13.39 3.74 -24.04
CA ASN D 116 -13.97 2.54 -23.45
C ASN D 116 -13.23 1.25 -23.77
N GLN D 117 -11.98 1.39 -24.20
CA GLN D 117 -11.12 0.24 -24.44
C GLN D 117 -10.47 -0.18 -23.13
N VAL D 118 -10.75 -1.40 -22.70
CA VAL D 118 -10.17 -1.90 -21.46
C VAL D 118 -8.64 -1.83 -21.48
N ILE D 119 -8.10 -1.17 -20.47
CA ILE D 119 -6.68 -1.09 -20.26
C ILE D 119 -6.50 -1.36 -18.77
N GLY D 120 -5.76 -2.38 -18.41
CA GLY D 120 -5.51 -2.65 -17.01
C GLY D 120 -6.72 -3.10 -16.22
N LYS D 121 -6.48 -3.45 -14.96
CA LYS D 121 -7.52 -3.91 -14.05
C LYS D 121 -7.31 -3.27 -12.67
N SER D 122 -8.35 -3.25 -11.84
CA SER D 122 -8.27 -2.53 -10.58
C SER D 122 -7.20 -3.11 -9.66
N GLY D 123 -6.81 -2.35 -8.64
CA GLY D 123 -5.74 -2.78 -7.75
C GLY D 123 -5.71 -2.12 -6.38
N LYS D 124 -4.73 -2.53 -5.58
CA LYS D 124 -4.52 -1.95 -4.27
C LYS D 124 -3.18 -1.24 -4.36
N ASN D 125 -2.97 -0.27 -3.47
CA ASN D 125 -1.73 0.50 -3.49
C ASN D 125 -1.39 1.10 -2.16
N LEU D 126 -0.17 1.60 -2.06
CA LEU D 126 0.31 2.16 -0.82
C LEU D 126 -0.26 3.54 -0.58
N TYR D 127 -0.32 4.32 -1.65
CA TYR D 127 -0.71 5.71 -1.56
C TYR D 127 -2.08 5.84 -0.88
N SER D 128 -3.11 5.17 -1.42
CA SER D 128 -4.36 5.15 -0.67
C SER D 128 -4.80 3.73 -0.29
N GLU D 129 -4.58 3.38 0.97
CA GLU D 129 -4.98 2.06 1.44
C GLU D 129 -6.45 2.09 1.85
N ASP D 130 -6.91 3.21 2.41
CA ASP D 130 -8.33 3.37 2.80
C ASP D 130 -9.24 3.04 1.62
N SER D 131 -8.80 3.37 0.41
CA SER D 131 -9.44 2.83 -0.77
C SER D 131 -8.91 1.42 -0.86
N GLY D 132 -9.74 0.51 -1.32
CA GLY D 132 -9.40 -0.88 -1.33
C GLY D 132 -8.77 -1.20 -2.67
N ASN D 133 -9.18 -2.32 -3.22
CA ASN D 133 -8.91 -2.59 -4.60
C ASN D 133 -9.79 -1.60 -5.38
N HIS D 134 -9.14 -0.75 -6.20
CA HIS D 134 -9.81 0.43 -6.76
C HIS D 134 -9.10 0.98 -7.98
N VAL D 135 -9.69 2.02 -8.56
CA VAL D 135 -9.00 2.84 -9.53
C VAL D 135 -8.96 4.28 -9.04
N HIS D 136 -7.80 4.92 -9.22
CA HIS D 136 -7.71 6.36 -9.02
C HIS D 136 -7.70 7.03 -10.36
N PHE D 137 -8.69 7.89 -10.56
CA PHE D 137 -8.90 8.52 -11.86
C PHE D 137 -8.75 10.03 -11.75
N GLU D 138 -8.04 10.62 -12.71
CA GLU D 138 -7.80 12.06 -12.75
C GLU D 138 -7.92 12.59 -14.16
N ILE D 139 -8.35 13.84 -14.26
CA ILE D 139 -8.48 14.52 -15.55
C ILE D 139 -7.73 15.83 -15.48
N ARG D 140 -6.74 15.99 -16.33
CA ARG D 140 -5.94 17.18 -16.24
C ARG D 140 -6.00 17.99 -17.50
N LYS D 141 -6.04 19.30 -17.32
CA LYS D 141 -6.01 20.24 -18.42
C LYS D 141 -4.69 20.98 -18.33
N ASP D 142 -3.79 20.66 -19.25
CA ASP D 142 -2.43 21.19 -19.17
C ASP D 142 -1.88 20.95 -17.79
N GLY D 143 -2.02 19.70 -17.35
CA GLY D 143 -1.41 19.24 -16.13
C GLY D 143 -2.17 19.51 -14.85
N VAL D 144 -3.16 20.40 -14.90
CA VAL D 144 -3.95 20.75 -13.72
C VAL D 144 -5.10 19.78 -13.50
N ALA D 145 -5.22 19.26 -12.28
CA ALA D 145 -6.24 18.26 -12.01
C ALA D 145 -7.52 18.97 -11.68
N MSE D 146 -8.61 18.51 -12.29
CA MSE D 146 -9.94 19.07 -12.07
C MSE D 146 -10.84 17.96 -11.55
O MSE D 146 -10.48 16.77 -11.60
CB MSE D 146 -10.50 19.62 -13.35
CG MSE D 146 -9.51 20.45 -14.15
SE MSE D 146 -10.18 20.80 -15.96
CE MSE D 146 -10.04 19.00 -16.78
N ASN D 147 -12.00 18.35 -11.02
CA ASN D 147 -12.89 17.37 -10.44
C ASN D 147 -13.56 16.51 -11.51
N PRO D 148 -13.18 15.24 -11.56
CA PRO D 148 -13.69 14.37 -12.63
C PRO D 148 -15.23 14.28 -12.71
N LEU D 149 -15.93 14.51 -11.61
CA LEU D 149 -17.38 14.43 -11.64
C LEU D 149 -18.03 15.56 -12.42
N ASN D 150 -17.35 16.69 -12.49
CA ASN D 150 -17.84 17.81 -13.31
C ASN D 150 -17.93 17.45 -14.80
N PHE D 151 -17.28 16.35 -15.18
CA PHE D 151 -17.37 15.84 -16.54
C PHE D 151 -18.30 14.63 -16.75
N MSE D 152 -19.02 14.22 -15.72
CA MSE D 152 -19.91 13.06 -15.84
C MSE D 152 -21.27 13.26 -15.20
O MSE D 152 -21.97 14.23 -15.49
CB MSE D 152 -19.25 11.84 -15.22
CG MSE D 152 -17.91 11.48 -15.83
SE MSE D 152 -16.79 10.55 -14.53
CE MSE D 152 -15.14 10.56 -15.57
S SO4 E . -0.83 0.28 16.39
O1 SO4 E . -0.89 -0.59 17.59
O2 SO4 E . -1.18 -0.45 15.17
O3 SO4 E . -1.79 1.36 16.52
O4 SO4 E . 0.53 0.81 16.28
S SO4 F . -9.32 9.90 11.73
O1 SO4 F . -8.79 10.19 13.07
O2 SO4 F . -9.91 8.56 11.69
O3 SO4 F . -10.35 10.92 11.43
O4 SO4 F . -8.21 9.91 10.76
S SO4 G . -21.98 6.78 -8.20
O1 SO4 G . -21.14 6.91 -7.01
O2 SO4 G . -23.10 5.88 -7.91
O3 SO4 G . -22.49 8.10 -8.53
O4 SO4 G . -21.20 6.25 -9.34
#